data_5ZZ0
#
_entry.id   5ZZ0
#
_cell.length_a   35.393
_cell.length_b   63.566
_cell.length_c   98.136
_cell.angle_alpha   90.00
_cell.angle_beta   90.00
_cell.angle_gamma   90.00
#
_symmetry.space_group_name_H-M   'P 21 21 21'
#
loop_
_entity.id
_entity.type
_entity.pdbx_description
1 polymer Gelsolin
2 non-polymer 'CALCIUM ION'
3 non-polymer 2-(2-METHOXYETHOXY)ETHANOL
4 water water
#
_entity_poly.entity_id   1
_entity_poly.type   'polypeptide(L)'
_entity_poly.pdbx_seq_one_letter_code
;EHPEFLKAGKEPGLQIWRVEKFDLVPVPTNLYGDFFTGDAYVILKTVQLRNGNLQYDLHYWLGNECSQDESGAAAIFTVQ
LDDYLNGRAVQHREVQGFESATFLGYFKSGLKYKKGGVASGFKHVVPNEVVVQR
;
_entity_poly.pdbx_strand_id   G,A
#
# COMPACT_ATOMS: atom_id res chain seq x y z
N HIS A 2 -4.06 -15.03 -4.04
CA HIS A 2 -4.47 -13.71 -4.53
C HIS A 2 -4.97 -13.65 -5.98
N PRO A 3 -6.00 -12.79 -6.24
CA PRO A 3 -6.50 -12.51 -7.58
C PRO A 3 -6.06 -11.13 -8.11
N GLU A 4 -5.88 -11.03 -9.42
CA GLU A 4 -5.54 -9.74 -10.00
C GLU A 4 -6.77 -8.83 -10.05
N PHE A 5 -6.74 -7.86 -10.96
CA PHE A 5 -7.81 -6.89 -11.07
C PHE A 5 -8.63 -7.20 -12.31
N LEU A 6 -8.31 -8.35 -12.90
CA LEU A 6 -8.94 -8.79 -14.14
C LEU A 6 -10.37 -9.19 -13.84
N LYS A 7 -10.56 -9.80 -12.66
CA LYS A 7 -11.86 -10.25 -12.18
C LYS A 7 -12.43 -9.18 -11.26
N ALA A 8 -12.64 -7.98 -11.80
CA ALA A 8 -13.00 -6.85 -10.95
C ALA A 8 -13.83 -5.83 -11.71
N GLY A 9 -15.07 -5.65 -11.28
CA GLY A 9 -15.91 -4.62 -11.84
C GLY A 9 -16.36 -4.92 -13.26
N LYS A 10 -16.35 -6.21 -13.61
CA LYS A 10 -16.92 -6.66 -14.87
C LYS A 10 -18.45 -6.60 -14.80
N GLU A 11 -19.00 -7.14 -13.72
CA GLU A 11 -20.44 -7.30 -13.57
C GLU A 11 -20.95 -6.58 -12.33
N PRO A 12 -22.18 -6.05 -12.38
CA PRO A 12 -22.86 -5.56 -11.18
C PRO A 12 -22.85 -6.54 -10.01
N GLY A 13 -22.79 -6.02 -8.80
CA GLY A 13 -22.70 -6.85 -7.61
C GLY A 13 -21.63 -6.37 -6.66
N LEU A 14 -21.14 -7.31 -5.86
CA LEU A 14 -20.20 -7.02 -4.78
C LEU A 14 -19.03 -7.97 -4.86
N GLN A 15 -17.83 -7.43 -4.70
CA GLN A 15 -16.65 -8.26 -4.54
C GLN A 15 -15.93 -7.87 -3.24
N ILE A 16 -15.49 -8.87 -2.48
CA ILE A 16 -14.79 -8.60 -1.22
C ILE A 16 -13.53 -9.43 -1.12
N TRP A 17 -12.39 -8.76 -0.97
CA TRP A 17 -11.17 -9.46 -0.64
C TRP A 17 -10.78 -9.07 0.76
N ARG A 18 -10.00 -9.92 1.41
CA ARG A 18 -9.43 -9.61 2.71
C ARG A 18 -7.92 -9.39 2.58
N VAL A 19 -7.35 -8.52 3.40
CA VAL A 19 -5.91 -8.45 3.44
C VAL A 19 -5.40 -9.62 4.28
N GLU A 20 -4.53 -10.41 3.68
CA GLU A 20 -4.01 -11.61 4.31
C GLU A 20 -2.52 -11.76 4.02
N LYS A 21 -1.69 -11.43 5.00
CA LYS A 21 -0.24 -11.38 4.83
C LYS A 21 0.11 -10.58 3.57
N PHE A 22 -0.12 -9.27 3.64
CA PHE A 22 0.15 -8.34 2.53
C PHE A 22 -0.44 -8.79 1.21
N ASP A 23 -1.63 -9.37 1.24
CA ASP A 23 -2.12 -10.01 0.02
C ASP A 23 -3.64 -10.07 -0.02
N LEU A 24 -4.23 -9.65 -1.14
CA LEU A 24 -5.68 -9.75 -1.32
C LEU A 24 -6.11 -11.19 -1.51
N VAL A 25 -6.96 -11.66 -0.62
CA VAL A 25 -7.56 -12.97 -0.77
C VAL A 25 -9.06 -12.78 -0.84
N PRO A 26 -9.68 -13.28 -1.91
CA PRO A 26 -11.13 -13.12 -2.05
C PRO A 26 -11.85 -13.85 -0.93
N VAL A 27 -12.95 -13.27 -0.51
CA VAL A 27 -13.78 -13.82 0.55
C VAL A 27 -14.84 -14.75 -0.07
N PRO A 28 -15.09 -15.91 0.57
CA PRO A 28 -16.18 -16.80 0.13
C PRO A 28 -17.50 -16.07 0.18
N THR A 29 -18.35 -16.27 -0.83
CA THR A 29 -19.63 -15.58 -0.89
C THR A 29 -20.51 -15.83 0.35
N ASN A 30 -20.40 -17.04 0.90
CA ASN A 30 -21.17 -17.43 2.07
C ASN A 30 -20.85 -16.54 3.28
N LEU A 31 -19.63 -15.99 3.28
CA LEU A 31 -19.18 -15.09 4.35
C LEU A 31 -19.27 -13.60 4.00
N TYR A 32 -20.00 -13.24 2.96
CA TYR A 32 -20.19 -11.83 2.64
C TYR A 32 -21.12 -11.20 3.68
N GLY A 33 -20.70 -10.09 4.26
CA GLY A 33 -21.46 -9.46 5.33
C GLY A 33 -20.84 -9.75 6.68
N ASP A 34 -19.88 -10.66 6.68
CA ASP A 34 -19.15 -11.04 7.88
C ASP A 34 -17.76 -10.40 7.86
N PHE A 35 -17.41 -9.69 8.93
CA PHE A 35 -16.08 -9.10 9.00
C PHE A 35 -15.36 -9.35 10.32
N PHE A 36 -14.14 -9.87 10.22
CA PHE A 36 -13.28 -10.01 11.38
C PHE A 36 -12.85 -8.65 11.89
N THR A 37 -12.90 -8.46 13.20
CA THR A 37 -12.50 -7.19 13.76
C THR A 37 -10.98 -7.04 13.69
N GLY A 38 -10.28 -8.13 13.42
CA GLY A 38 -8.83 -8.13 13.44
C GLY A 38 -8.20 -7.95 12.09
N ASP A 39 -9.03 -7.78 11.08
CA ASP A 39 -8.52 -7.71 9.72
C ASP A 39 -8.95 -6.48 8.94
N ALA A 40 -8.47 -6.37 7.72
CA ALA A 40 -8.77 -5.23 6.87
C ALA A 40 -9.29 -5.73 5.54
N TYR A 41 -10.16 -4.96 4.92
CA TYR A 41 -10.85 -5.46 3.74
C TYR A 41 -10.93 -4.44 2.63
N VAL A 42 -10.98 -4.94 1.40
CA VAL A 42 -11.36 -4.15 0.25
C VAL A 42 -12.70 -4.67 -0.31
N ILE A 43 -13.60 -3.72 -0.60
CA ILE A 43 -14.93 -4.00 -1.10
C ILE A 43 -15.21 -3.14 -2.33
N LEU A 44 -15.71 -3.77 -3.38
CA LEU A 44 -16.02 -3.09 -4.63
C LEU A 44 -17.50 -3.18 -4.92
N LYS A 45 -18.18 -2.03 -4.87
CA LYS A 45 -19.58 -2.00 -5.29
C LYS A 45 -19.67 -1.59 -6.74
N THR A 46 -20.07 -2.55 -7.56
CA THR A 46 -20.36 -2.27 -8.96
C THR A 46 -21.86 -2.21 -9.10
N VAL A 47 -22.37 -1.03 -9.41
CA VAL A 47 -23.79 -0.86 -9.63
C VAL A 47 -24.06 -0.52 -11.11
N GLN A 48 -25.10 -1.12 -11.69
CA GLN A 48 -25.49 -0.79 -13.06
C GLN A 48 -26.38 0.45 -13.09
N LEU A 49 -25.99 1.43 -13.89
CA LEU A 49 -26.76 2.67 -14.01
C LEU A 49 -27.99 2.48 -14.85
N ARG A 50 -28.89 3.46 -14.75
CA ARG A 50 -30.09 3.51 -15.58
C ARG A 50 -29.73 3.49 -17.05
N ASN A 51 -28.71 4.26 -17.45
CA ASN A 51 -28.27 4.23 -18.84
C ASN A 51 -27.35 3.07 -19.17
N GLY A 52 -27.28 2.08 -18.28
CA GLY A 52 -26.55 0.86 -18.57
C GLY A 52 -25.06 0.89 -18.28
N ASN A 53 -24.51 2.06 -17.92
CA ASN A 53 -23.09 2.17 -17.56
C ASN A 53 -22.81 1.71 -16.13
N LEU A 54 -21.56 1.35 -15.87
CA LEU A 54 -21.18 0.83 -14.56
C LEU A 54 -20.63 1.92 -13.61
N GLN A 55 -21.11 1.90 -12.38
CA GLN A 55 -20.63 2.83 -11.37
C GLN A 55 -19.83 2.04 -10.36
N TYR A 56 -18.76 2.65 -9.84
CA TYR A 56 -17.89 1.94 -8.93
C TYR A 56 -17.71 2.68 -7.62
N ASP A 57 -17.91 1.97 -6.51
CA ASP A 57 -17.64 2.50 -5.18
C ASP A 57 -16.68 1.58 -4.47
N LEU A 58 -15.50 2.10 -4.16
CA LEU A 58 -14.44 1.34 -3.52
C LEU A 58 -14.37 1.68 -2.05
N HIS A 59 -14.43 0.67 -1.22
CA HIS A 59 -14.36 0.84 0.22
C HIS A 59 -13.28 -0.09 0.75
N TYR A 60 -12.27 0.46 1.41
CA TYR A 60 -11.46 -0.38 2.28
C TYR A 60 -11.95 -0.28 3.70
N TRP A 61 -12.01 -1.42 4.38
CA TRP A 61 -12.61 -1.51 5.69
C TRP A 61 -11.55 -2.01 6.65
N LEU A 62 -11.48 -1.40 7.83
CA LEU A 62 -10.39 -1.65 8.77
C LEU A 62 -10.93 -2.16 10.08
N GLY A 63 -10.62 -3.41 10.40
CA GLY A 63 -11.02 -3.96 11.68
C GLY A 63 -10.39 -3.18 12.81
N ASN A 64 -11.06 -3.15 13.95
CA ASN A 64 -10.61 -2.37 15.11
C ASN A 64 -9.35 -3.01 15.66
N GLU A 65 -9.24 -4.31 15.56
CA GLU A 65 -8.05 -5.04 16.04
C GLU A 65 -7.12 -5.35 14.86
N CYS A 66 -7.04 -4.47 13.88
CA CYS A 66 -6.26 -4.78 12.65
C CYS A 66 -4.86 -4.18 12.66
N SER A 67 -3.88 -4.92 12.14
CA SER A 67 -2.50 -4.48 12.16
C SER A 67 -2.21 -3.40 11.11
N GLN A 68 -1.09 -2.71 11.30
CA GLN A 68 -0.73 -1.54 10.50
C GLN A 68 -0.34 -1.92 9.07
N ASP A 69 -0.01 -3.20 8.88
CA ASP A 69 0.30 -3.72 7.55
C ASP A 69 -0.99 -4.06 6.81
N GLU A 70 -1.94 -4.67 7.54
CA GLU A 70 -3.26 -5.05 7.01
C GLU A 70 -3.92 -3.76 6.61
N SER A 71 -3.88 -2.82 7.54
CA SER A 71 -4.41 -1.49 7.35
C SER A 71 -3.81 -0.80 6.14
N GLY A 72 -2.49 -0.83 6.04
CA GLY A 72 -1.78 -0.12 4.99
C GLY A 72 -1.96 -0.76 3.63
N ALA A 73 -2.02 -2.09 3.62
CA ALA A 73 -2.13 -2.81 2.36
C ALA A 73 -3.47 -2.50 1.70
N ALA A 74 -4.56 -2.55 2.48
CA ALA A 74 -5.90 -2.31 1.95
C ALA A 74 -5.99 -0.94 1.30
N ALA A 75 -5.45 0.07 1.95
CA ALA A 75 -5.49 1.41 1.38
C ALA A 75 -4.69 1.48 0.09
N ILE A 76 -3.70 0.61 -0.03
CA ILE A 76 -2.83 0.69 -1.18
C ILE A 76 -3.55 0.06 -2.35
N PHE A 77 -4.00 -1.18 -2.14
CA PHE A 77 -4.75 -1.92 -3.15
C PHE A 77 -5.89 -1.10 -3.71
N THR A 78 -6.65 -0.47 -2.82
CA THR A 78 -7.74 0.41 -3.20
C THR A 78 -7.34 1.40 -4.29
N VAL A 79 -6.27 2.14 -4.05
CA VAL A 79 -5.72 3.09 -4.99
C VAL A 79 -5.29 2.41 -6.29
N GLN A 80 -4.62 1.27 -6.14
CA GLN A 80 -4.07 0.55 -7.27
C GLN A 80 -5.21 0.03 -8.17
N LEU A 81 -6.28 -0.41 -7.54
CA LEU A 81 -7.44 -0.91 -8.25
C LEU A 81 -8.28 0.24 -8.81
N ASP A 82 -8.31 1.37 -8.12
CA ASP A 82 -8.98 2.55 -8.66
C ASP A 82 -8.24 3.00 -9.93
N ASP A 83 -6.92 3.13 -9.81
CA ASP A 83 -6.07 3.44 -10.95
C ASP A 83 -6.32 2.48 -12.10
N TYR A 84 -6.58 1.23 -11.75
CA TYR A 84 -6.78 0.21 -12.76
C TYR A 84 -8.12 0.49 -13.48
N LEU A 85 -9.17 0.70 -12.70
CA LEU A 85 -10.43 1.15 -13.27
C LEU A 85 -10.40 2.64 -13.61
N ASN A 86 -9.37 3.08 -14.32
CA ASN A 86 -9.24 4.48 -14.77
C ASN A 86 -9.43 5.56 -13.71
N GLY A 87 -9.27 5.22 -12.45
CA GLY A 87 -9.70 6.10 -11.38
C GLY A 87 -11.20 6.42 -11.45
N ARG A 88 -12.02 5.45 -11.82
CA ARG A 88 -13.45 5.67 -11.97
C ARG A 88 -14.25 5.46 -10.69
N ALA A 89 -13.70 4.67 -9.78
CA ALA A 89 -14.28 4.40 -8.46
C ALA A 89 -14.23 5.60 -7.53
N VAL A 90 -15.19 5.71 -6.62
CA VAL A 90 -15.10 6.69 -5.55
C VAL A 90 -14.58 5.93 -4.35
N GLN A 91 -13.51 6.43 -3.74
CA GLN A 91 -12.89 5.73 -2.62
C GLN A 91 -13.47 6.16 -1.27
N HIS A 92 -13.78 5.17 -0.44
CA HIS A 92 -14.19 5.44 0.92
C HIS A 92 -13.32 4.69 1.94
N ARG A 93 -12.90 5.37 2.99
CA ARG A 93 -12.29 4.69 4.13
C ARG A 93 -13.39 4.31 5.12
N GLU A 94 -13.49 3.01 5.40
CA GLU A 94 -14.43 2.53 6.39
C GLU A 94 -13.70 2.01 7.63
N VAL A 95 -13.96 2.65 8.75
CA VAL A 95 -13.40 2.18 10.00
C VAL A 95 -14.53 1.52 10.78
N GLN A 96 -14.25 0.30 11.26
CA GLN A 96 -15.25 -0.49 11.96
C GLN A 96 -15.99 0.35 13.01
N GLY A 97 -17.31 0.43 12.87
CA GLY A 97 -18.12 1.21 13.80
C GLY A 97 -18.20 2.67 13.41
N PHE A 98 -17.71 2.98 12.21
CA PHE A 98 -17.70 4.36 11.74
C PHE A 98 -17.97 4.36 10.25
N GLU A 99 -18.73 3.37 9.78
CA GLU A 99 -18.95 3.21 8.36
C GLU A 99 -20.04 4.11 7.78
N SER A 100 -19.84 4.57 6.54
CA SER A 100 -20.85 5.36 5.84
C SER A 100 -22.17 4.61 5.74
N ALA A 101 -23.26 5.36 5.64
CA ALA A 101 -24.57 4.79 5.34
C ALA A 101 -24.56 4.10 3.97
N THR A 102 -23.65 4.55 3.11
CA THR A 102 -23.45 3.95 1.81
C THR A 102 -23.01 2.51 1.96
N PHE A 103 -21.96 2.31 2.74
CA PHE A 103 -21.42 0.98 2.95
C PHE A 103 -22.39 0.05 3.69
N LEU A 104 -23.10 0.59 4.66
CA LEU A 104 -24.01 -0.23 5.45
C LEU A 104 -25.24 -0.63 4.64
N GLY A 105 -25.64 0.22 3.71
CA GLY A 105 -26.70 -0.12 2.78
C GLY A 105 -26.46 -1.37 1.94
N TYR A 106 -25.20 -1.78 1.78
CA TYR A 106 -24.87 -3.00 1.05
C TYR A 106 -25.27 -4.21 1.88
N PHE A 107 -25.42 -4.01 3.19
CA PHE A 107 -25.65 -5.12 4.12
C PHE A 107 -26.94 -4.96 4.95
N LYS A 108 -28.06 -5.11 4.26
CA LYS A 108 -29.38 -4.95 4.87
C LYS A 108 -29.66 -6.00 5.94
N SER A 109 -29.36 -7.26 5.63
CA SER A 109 -29.63 -8.35 6.56
C SER A 109 -28.69 -8.30 7.76
N GLY A 110 -27.65 -9.11 7.69
CA GLY A 110 -26.64 -9.10 8.72
C GLY A 110 -25.42 -8.36 8.24
N LEU A 111 -25.00 -7.40 9.05
CA LEU A 111 -23.60 -7.00 9.10
C LEU A 111 -23.09 -7.59 10.39
N LYS A 112 -22.36 -8.70 10.27
CA LYS A 112 -21.96 -9.50 11.44
C LYS A 112 -20.47 -9.43 11.72
N TYR A 113 -20.08 -8.86 12.84
CA TYR A 113 -18.64 -8.75 13.20
C TYR A 113 -18.18 -10.01 13.90
N LYS A 114 -17.04 -10.53 13.51
CA LYS A 114 -16.53 -11.72 14.18
C LYS A 114 -15.29 -11.36 14.97
N LYS A 115 -15.01 -12.06 16.05
CA LYS A 115 -13.77 -11.82 16.77
C LYS A 115 -12.58 -12.50 16.08
N GLY A 116 -11.40 -11.89 16.17
CA GLY A 116 -10.18 -12.48 15.68
C GLY A 116 -9.79 -12.06 14.28
N GLY A 117 -9.06 -12.93 13.57
CA GLY A 117 -8.65 -12.67 12.22
C GLY A 117 -7.23 -13.14 11.94
N VAL A 118 -6.86 -13.18 10.67
CA VAL A 118 -5.50 -13.54 10.30
C VAL A 118 -4.50 -12.60 10.97
N ALA A 119 -3.40 -13.18 11.42
CA ALA A 119 -2.33 -12.46 12.09
C ALA A 119 -1.51 -11.64 11.10
N SER A 120 -0.88 -10.58 11.62
CA SER A 120 -0.01 -9.70 10.83
C SER A 120 1.06 -10.47 10.07
N GLY A 121 1.60 -9.81 9.04
CA GLY A 121 2.63 -10.43 8.22
C GLY A 121 3.88 -10.71 9.04
N PHE A 122 4.11 -9.88 10.04
CA PHE A 122 5.37 -9.92 10.79
C PHE A 122 5.40 -11.07 11.82
N LYS A 123 4.81 -12.21 11.45
CA LYS A 123 4.73 -13.41 12.31
C LYS A 123 4.13 -13.14 13.68
N GLU B 1 3.77 -4.96 -13.27
CA GLU B 1 4.52 -3.92 -12.57
C GLU B 1 3.56 -2.85 -12.07
N HIS B 2 3.41 -2.79 -10.75
CA HIS B 2 2.44 -1.89 -10.12
C HIS B 2 2.92 -1.35 -8.77
N PRO B 3 3.10 -0.01 -8.65
CA PRO B 3 2.89 0.98 -9.72
C PRO B 3 4.06 1.06 -10.70
N GLU B 4 5.17 1.62 -10.22
CA GLU B 4 6.42 1.69 -10.97
C GLU B 4 6.93 0.29 -11.25
N PHE B 5 7.63 -0.27 -10.26
CA PHE B 5 8.13 -1.66 -10.29
C PHE B 5 9.05 -2.01 -11.47
N LEU B 6 8.76 -1.47 -12.65
CA LEU B 6 9.77 -1.40 -13.70
C LEU B 6 10.66 -0.26 -13.24
N LYS B 7 11.68 0.10 -14.03
CA LYS B 7 12.76 0.99 -13.59
C LYS B 7 13.44 0.44 -12.34
N ALA B 8 13.22 -0.84 -12.02
CA ALA B 8 13.52 -1.31 -10.66
C ALA B 8 14.37 -2.57 -10.53
N GLY B 9 15.60 -2.35 -10.06
CA GLY B 9 16.56 -3.43 -9.76
C GLY B 9 17.13 -4.05 -11.00
N LYS B 10 17.08 -3.33 -12.12
CA LYS B 10 17.53 -3.88 -13.42
C LYS B 10 19.02 -3.69 -13.62
N GLU B 11 19.53 -2.48 -13.43
CA GLU B 11 21.00 -2.28 -13.56
C GLU B 11 21.51 -1.65 -12.28
N PRO B 12 22.76 -1.93 -11.86
CA PRO B 12 23.33 -1.34 -10.67
C PRO B 12 23.06 0.14 -10.41
N GLY B 13 22.79 0.51 -9.17
CA GLY B 13 22.55 1.93 -8.94
C GLY B 13 21.67 2.22 -7.75
N LEU B 14 21.05 3.38 -7.78
CA LEU B 14 20.24 3.85 -6.66
C LEU B 14 18.94 4.48 -7.17
N GLN B 15 17.82 3.91 -6.75
CA GLN B 15 16.51 4.41 -7.14
C GLN B 15 15.80 4.87 -5.88
N ILE B 16 15.21 6.06 -5.92
CA ILE B 16 14.53 6.61 -4.75
C ILE B 16 13.10 7.06 -5.03
N TRP B 17 12.16 6.54 -4.24
CA TRP B 17 10.75 6.85 -4.46
C TRP B 17 10.20 7.59 -3.25
N ARG B 18 9.44 8.66 -3.49
CA ARG B 18 8.66 9.29 -2.43
C ARG B 18 7.21 8.75 -2.39
N VAL B 19 6.63 8.69 -1.19
CA VAL B 19 5.25 8.21 -1.01
C VAL B 19 4.22 9.34 -0.94
N GLU B 20 3.38 9.41 -1.96
CA GLU B 20 2.30 10.39 -2.02
C GLU B 20 0.99 9.68 -2.26
N LYS B 21 0.07 9.80 -1.30
CA LYS B 21 -1.26 9.23 -1.44
C LYS B 21 -1.21 7.76 -1.82
N PHE B 22 -0.38 6.99 -1.12
CA PHE B 22 -0.29 5.54 -1.33
C PHE B 22 0.19 5.16 -2.72
N ASP B 23 1.08 5.97 -3.29
CA ASP B 23 1.71 5.64 -4.57
C ASP B 23 3.16 6.14 -4.56
N LEU B 24 4.04 5.37 -5.17
CA LEU B 24 5.45 5.74 -5.31
C LEU B 24 5.68 6.68 -6.49
N VAL B 25 6.08 7.90 -6.16
CA VAL B 25 6.55 8.86 -7.14
C VAL B 25 8.09 8.81 -7.18
N PRO B 26 8.67 8.54 -8.36
CA PRO B 26 10.13 8.54 -8.45
C PRO B 26 10.66 9.92 -8.12
N VAL B 27 11.96 10.05 -7.89
CA VAL B 27 12.51 11.30 -7.37
C VAL B 27 13.68 11.76 -8.25
N PRO B 28 13.70 13.06 -8.60
CA PRO B 28 14.72 13.66 -9.46
C PRO B 28 16.13 13.42 -8.92
N THR B 29 17.06 13.10 -9.81
CA THR B 29 18.42 12.77 -9.39
C THR B 29 19.09 13.92 -8.66
N ASN B 30 18.78 15.14 -9.10
CA ASN B 30 19.33 16.31 -8.44
C ASN B 30 19.00 16.32 -6.96
N LEU B 31 17.78 15.89 -6.62
CA LEU B 31 17.34 15.88 -5.23
C LEU B 31 17.69 14.62 -4.45
N TYR B 32 18.48 13.73 -5.04
CA TYR B 32 18.90 12.53 -4.31
C TYR B 32 19.70 12.92 -3.10
N GLY B 33 19.31 12.38 -1.94
CA GLY B 33 19.97 12.64 -0.68
C GLY B 33 19.21 13.65 0.14
N ASP B 34 18.31 14.38 -0.51
CA ASP B 34 17.48 15.39 0.15
C ASP B 34 16.14 14.79 0.51
N PHE B 35 15.84 14.78 1.81
CA PHE B 35 14.67 14.09 2.36
C PHE B 35 13.81 15.02 3.21
N PHE B 36 12.61 15.37 2.73
CA PHE B 36 11.67 16.12 3.56
C PHE B 36 11.34 15.34 4.83
N THR B 37 11.24 16.04 5.95
CA THR B 37 11.05 15.36 7.23
C THR B 37 9.58 14.98 7.47
N GLY B 38 8.70 15.53 6.65
CA GLY B 38 7.29 15.21 6.71
C GLY B 38 6.89 14.09 5.78
N ASP B 39 7.87 13.37 5.26
CA ASP B 39 7.59 12.32 4.29
C ASP B 39 8.23 10.97 4.59
N ALA B 40 7.78 9.96 3.85
CA ALA B 40 8.38 8.65 3.87
C ALA B 40 8.88 8.31 2.47
N TYR B 41 9.95 7.53 2.37
CA TYR B 41 10.54 7.21 1.08
C TYR B 41 10.84 5.73 1.00
N VAL B 42 11.09 5.24 -0.21
CA VAL B 42 11.59 3.89 -0.43
C VAL B 42 12.86 4.02 -1.26
N ILE B 43 13.87 3.22 -0.93
CA ILE B 43 15.19 3.34 -1.58
C ILE B 43 15.73 1.98 -1.99
N LEU B 44 15.94 1.78 -3.28
CA LEU B 44 16.51 0.53 -3.72
C LEU B 44 17.94 0.70 -4.23
N LYS B 45 18.88 0.26 -3.41
CA LYS B 45 20.28 0.19 -3.80
C LYS B 45 20.54 -1.11 -4.51
N THR B 46 21.11 -1.01 -5.71
CA THR B 46 21.39 -2.19 -6.50
C THR B 46 22.89 -2.28 -6.71
N VAL B 47 23.48 -3.40 -6.31
CA VAL B 47 24.92 -3.61 -6.46
C VAL B 47 25.18 -4.86 -7.29
N GLN B 48 26.14 -4.80 -8.19
CA GLN B 48 26.50 -6.01 -8.93
C GLN B 48 27.77 -6.59 -8.36
N LEU B 49 27.71 -7.87 -8.03
CA LEU B 49 28.86 -8.54 -7.46
C LEU B 49 29.81 -8.89 -8.59
N ARG B 50 30.88 -9.60 -8.27
CA ARG B 50 31.91 -9.94 -9.24
C ARG B 50 31.44 -11.01 -10.23
N ASN B 51 30.79 -12.02 -9.69
CA ASN B 51 30.33 -13.18 -10.43
C ASN B 51 29.07 -12.92 -11.25
N GLY B 52 28.71 -11.65 -11.38
CA GLY B 52 27.56 -11.30 -12.19
C GLY B 52 26.26 -11.13 -11.43
N ASN B 53 26.15 -11.71 -10.24
CA ASN B 53 24.92 -11.67 -9.47
C ASN B 53 24.52 -10.28 -9.02
N LEU B 54 23.24 -9.97 -9.15
CA LEU B 54 22.73 -8.75 -8.57
C LEU B 54 22.49 -9.00 -7.10
N GLN B 55 22.69 -7.97 -6.30
CA GLN B 55 22.24 -7.99 -4.93
C GLN B 55 21.47 -6.72 -4.61
N TYR B 56 20.41 -6.87 -3.81
CA TYR B 56 19.52 -5.77 -3.51
C TYR B 56 19.43 -5.46 -2.04
N ASP B 57 19.21 -4.19 -1.73
CA ASP B 57 18.92 -3.76 -0.37
C ASP B 57 17.81 -2.73 -0.49
N LEU B 58 16.71 -2.96 0.22
CA LEU B 58 15.61 -2.01 0.27
C LEU B 58 15.61 -1.29 1.61
N HIS B 59 15.31 0.00 1.58
CA HIS B 59 15.26 0.78 2.79
C HIS B 59 14.07 1.69 2.68
N TYR B 60 13.31 1.81 3.74
CA TYR B 60 12.24 2.83 3.78
C TYR B 60 12.60 3.79 4.90
N TRP B 61 12.65 5.06 4.57
CA TRP B 61 13.04 6.16 5.47
C TRP B 61 11.81 6.91 5.94
N LEU B 62 11.67 7.10 7.23
CA LEU B 62 10.50 7.82 7.75
C LEU B 62 10.92 9.12 8.42
N GLY B 63 10.58 10.23 7.83
CA GLY B 63 10.80 11.55 8.39
C GLY B 63 10.08 11.67 9.71
N ASN B 64 10.64 12.43 10.64
CA ASN B 64 10.08 12.53 12.00
C ASN B 64 8.74 13.27 12.09
N GLU B 65 8.25 13.72 10.95
CA GLU B 65 6.95 14.38 10.88
C GLU B 65 6.09 13.85 9.73
N CYS B 66 6.23 12.58 9.37
CA CYS B 66 5.43 12.00 8.29
C CYS B 66 4.12 11.39 8.80
N SER B 67 3.09 11.40 7.96
CA SER B 67 1.78 10.83 8.31
C SER B 67 1.94 9.41 8.82
N GLN B 68 0.93 8.93 9.52
CA GLN B 68 0.83 7.52 9.82
C GLN B 68 0.60 6.75 8.51
N ASP B 69 -0.16 7.37 7.61
CA ASP B 69 -0.42 6.82 6.27
C ASP B 69 0.90 6.61 5.57
N GLU B 70 1.64 7.71 5.42
CA GLU B 70 2.92 7.72 4.76
C GLU B 70 3.87 6.67 5.34
N SER B 71 3.98 6.61 6.66
CA SER B 71 4.85 5.62 7.29
C SER B 71 4.52 4.18 6.87
N GLY B 72 3.27 3.78 7.10
CA GLY B 72 2.83 2.43 6.85
C GLY B 72 2.88 2.07 5.38
N ALA B 73 2.67 3.06 4.53
CA ALA B 73 2.73 2.86 3.09
C ALA B 73 4.11 2.36 2.72
N ALA B 74 5.12 3.16 3.08
CA ALA B 74 6.52 2.88 2.74
C ALA B 74 6.93 1.46 3.12
N ALA B 75 6.48 1.02 4.30
CA ALA B 75 6.76 -0.33 4.78
C ALA B 75 6.09 -1.39 3.92
N ILE B 76 4.86 -1.12 3.49
CA ILE B 76 4.09 -2.07 2.69
C ILE B 76 4.67 -2.17 1.29
N PHE B 77 4.89 -0.99 0.70
CA PHE B 77 5.53 -0.86 -0.60
C PHE B 77 6.90 -1.54 -0.66
N THR B 78 7.62 -1.52 0.46
CA THR B 78 8.91 -2.17 0.55
C THR B 78 8.72 -3.67 0.39
N VAL B 79 7.85 -4.23 1.22
CA VAL B 79 7.49 -5.63 1.18
C VAL B 79 7.06 -6.07 -0.22
N GLN B 80 6.38 -5.16 -0.94
CA GLN B 80 5.92 -5.43 -2.29
C GLN B 80 7.08 -5.57 -3.25
N LEU B 81 8.08 -4.70 -3.09
CA LEU B 81 9.23 -4.73 -3.98
C LEU B 81 10.08 -5.98 -3.78
N ASP B 82 10.28 -6.36 -2.52
CA ASP B 82 11.04 -7.56 -2.15
C ASP B 82 10.48 -8.77 -2.86
N ASP B 83 9.15 -8.85 -2.97
CA ASP B 83 8.45 -9.98 -3.56
C ASP B 83 8.40 -9.88 -5.09
N TYR B 84 8.38 -8.64 -5.59
CA TYR B 84 8.51 -8.41 -7.01
C TYR B 84 9.96 -8.71 -7.46
N LEU B 85 10.90 -8.51 -6.56
CA LEU B 85 12.26 -8.99 -6.77
C LEU B 85 12.40 -10.38 -6.18
N ASN B 86 11.26 -11.02 -5.93
CA ASN B 86 11.21 -12.41 -5.46
C ASN B 86 12.02 -12.69 -4.19
N GLY B 87 11.99 -11.74 -3.27
CA GLY B 87 12.65 -11.94 -1.97
C GLY B 87 14.14 -11.82 -2.04
N ARG B 88 14.66 -11.33 -3.16
CA ARG B 88 16.13 -11.22 -3.27
C ARG B 88 16.59 -10.12 -2.31
N ALA B 89 15.83 -9.03 -2.26
CA ALA B 89 16.13 -7.80 -1.51
C ALA B 89 16.20 -7.97 -0.01
N VAL B 90 17.13 -7.25 0.59
CA VAL B 90 17.20 -7.19 2.03
C VAL B 90 16.59 -5.88 2.53
N GLN B 91 15.68 -5.99 3.51
CA GLN B 91 14.96 -4.83 4.01
C GLN B 91 15.62 -4.14 5.22
N HIS B 92 15.43 -2.83 5.30
CA HIS B 92 15.87 -2.03 6.43
C HIS B 92 14.91 -0.89 6.67
N ARG B 93 14.52 -0.72 7.92
CA ARG B 93 13.68 0.38 8.33
C ARG B 93 14.63 1.45 8.82
N GLU B 94 14.51 2.67 8.28
CA GLU B 94 15.38 3.77 8.67
C GLU B 94 14.54 4.93 9.19
N VAL B 95 14.75 5.28 10.44
CA VAL B 95 14.01 6.39 11.01
C VAL B 95 14.90 7.58 10.85
N GLN B 96 14.29 8.72 10.53
CA GLN B 96 15.05 9.94 10.40
C GLN B 96 15.93 10.12 11.62
N GLY B 97 17.21 10.38 11.38
CA GLY B 97 18.14 10.63 12.46
C GLY B 97 18.70 9.39 13.15
N PHE B 98 18.35 8.21 12.65
CA PHE B 98 18.80 6.97 13.25
C PHE B 98 19.15 6.00 12.13
N GLU B 99 19.45 6.54 10.97
CA GLU B 99 19.72 5.74 9.77
C GLU B 99 20.95 4.86 9.92
N SER B 100 20.86 3.62 9.44
CA SER B 100 21.98 2.69 9.48
C SER B 100 23.16 3.24 8.69
N ALA B 101 24.36 2.77 9.05
CA ALA B 101 25.61 3.18 8.39
C ALA B 101 25.58 2.84 6.91
N THR B 102 25.13 1.62 6.60
CA THR B 102 24.92 1.17 5.23
C THR B 102 24.14 2.18 4.42
N PHE B 103 23.12 2.76 5.04
CA PHE B 103 22.22 3.71 4.37
C PHE B 103 22.94 5.03 4.08
N LEU B 104 23.63 5.53 5.09
CA LEU B 104 24.48 6.69 4.93
C LEU B 104 25.54 6.48 3.86
N GLY B 105 25.98 5.24 3.68
CA GLY B 105 27.00 4.94 2.70
C GLY B 105 26.50 5.15 1.28
N TYR B 106 25.21 5.39 1.12
CA TYR B 106 24.65 5.57 -0.22
C TYR B 106 24.87 6.99 -0.69
N PHE B 107 24.94 7.90 0.27
CA PHE B 107 24.90 9.31 -0.04
C PHE B 107 26.22 9.97 0.37
N LYS B 108 27.08 10.17 -0.62
CA LYS B 108 28.40 10.70 -0.33
C LYS B 108 28.32 12.13 0.21
N SER B 109 27.25 12.84 -0.15
CA SER B 109 27.09 14.24 0.26
C SER B 109 26.20 14.36 1.47
N GLY B 110 25.97 13.22 2.12
CA GLY B 110 25.12 13.16 3.28
C GLY B 110 23.67 13.38 2.94
N LEU B 111 22.88 13.51 3.99
CA LEU B 111 21.43 13.64 3.90
C LEU B 111 21.04 15.05 4.32
N LYS B 112 20.40 15.80 3.43
CA LYS B 112 19.87 17.09 3.84
C LYS B 112 18.36 16.99 4.14
N TYR B 113 18.03 17.27 5.39
CA TYR B 113 16.67 17.28 5.86
C TYR B 113 16.02 18.62 5.53
N LYS B 114 14.75 18.58 5.11
CA LYS B 114 14.02 19.81 4.81
C LYS B 114 12.64 19.77 5.49
N LYS B 115 12.35 20.78 6.30
CA LYS B 115 11.04 20.93 6.93
C LYS B 115 9.96 21.07 5.84
N GLY B 116 9.04 20.10 5.77
CA GLY B 116 8.00 20.09 4.74
C GLY B 116 7.37 18.72 4.52
N GLY B 117 6.55 18.57 3.48
CA GLY B 117 5.93 17.28 3.20
C GLY B 117 4.65 17.22 2.39
N VAL B 118 4.49 16.12 1.65
CA VAL B 118 3.32 15.89 0.80
C VAL B 118 2.06 15.67 1.65
N ALA B 119 1.34 16.77 1.88
CA ALA B 119 0.21 16.84 2.82
C ALA B 119 -0.84 15.71 2.72
N SER B 120 -1.56 15.52 3.84
CA SER B 120 -2.59 14.49 3.98
C SER B 120 -3.92 14.92 3.34
N GLY B 121 -4.84 13.96 3.16
CA GLY B 121 -6.13 14.22 2.58
C GLY B 121 -7.17 13.20 3.01
N PHE B 122 -8.38 13.30 2.46
CA PHE B 122 -9.45 12.35 2.80
C PHE B 122 -9.20 11.01 2.15
N LYS B 123 -9.56 9.94 2.86
CA LYS B 123 -9.54 8.58 2.33
C LYS B 123 -8.15 8.12 1.88
#